data_4HIC
#
_entry.id   4HIC
#
_cell.length_a   114.040
_cell.length_b   114.040
_cell.length_c   120.520
_cell.angle_alpha   90.000
_cell.angle_beta   90.000
_cell.angle_gamma   90.000
#
_symmetry.space_group_name_H-M   'I 4'
#
_entity_poly.entity_id   1
_entity_poly.type   'polypeptide(L)'
_entity_poly.pdbx_seq_one_letter_code
;MKHHHHHHHSDYDIPTTENLYFQGSGSTNKNQPPVTPTATTASKESNQSETSGEATENSSQAVQGSSDHLLKLSAKERAD
EATEAFESWYKSFSNGDVILEINKELLKEGSGGTSPIELQTKLIDNLKAKFGDKVSDDFYTSLQASFNFNPVIVDGTKGL
TISKQNDDESQWFSTWFLDTEKKEKNTKIIVRNDFPFEWVDWRNKGQHDEKVGKIFKNVDWDNDLSYEVIGIDFTEATKN
IETNQILFVQMHYNEKIGKWQVTGNVGGVY
;
_entity_poly.pdbx_strand_id   A,B
#
# COMPACT_ATOMS: atom_id res chain seq x y z
N SER A 66 -16.98 -12.28 -28.30
CA SER A 66 -18.33 -11.76 -28.10
C SER A 66 -18.49 -11.11 -26.73
N SER A 67 -19.38 -10.13 -26.65
CA SER A 67 -19.49 -9.28 -25.47
C SER A 67 -19.99 -10.01 -24.28
N ASP A 68 -21.01 -10.83 -24.50
CA ASP A 68 -21.71 -11.45 -23.39
C ASP A 68 -21.07 -12.78 -23.08
N HIS A 69 -19.86 -12.96 -23.58
CA HIS A 69 -19.21 -14.26 -23.55
C HIS A 69 -19.27 -14.71 -22.11
N LEU A 70 -19.09 -13.78 -21.19
CA LEU A 70 -19.26 -14.07 -19.77
C LEU A 70 -20.70 -14.35 -19.36
N LEU A 71 -21.61 -13.67 -20.03
CA LEU A 71 -23.00 -13.70 -19.62
C LEU A 71 -23.65 -15.00 -20.05
N LYS A 72 -23.25 -15.46 -21.22
CA LYS A 72 -23.79 -16.65 -21.81
C LYS A 72 -23.35 -17.88 -21.05
N LEU A 73 -22.13 -17.83 -20.56
CA LEU A 73 -21.53 -18.98 -19.90
C LEU A 73 -22.06 -19.21 -18.49
N SER A 74 -21.87 -20.43 -18.04
CA SER A 74 -22.30 -20.87 -16.73
C SER A 74 -21.06 -20.80 -15.86
N ALA A 75 -21.25 -20.83 -14.55
CA ALA A 75 -20.14 -20.60 -13.63
C ALA A 75 -18.99 -21.60 -13.86
N LYS A 76 -19.34 -22.86 -14.06
CA LYS A 76 -18.30 -23.87 -14.22
C LYS A 76 -17.64 -23.66 -15.55
N GLU A 77 -18.40 -23.20 -16.56
CA GLU A 77 -17.81 -22.99 -17.90
C GLU A 77 -16.78 -21.87 -17.79
N ARG A 78 -17.10 -20.84 -17.01
CA ARG A 78 -16.17 -19.72 -16.82
C ARG A 78 -14.94 -20.21 -16.08
N ALA A 79 -15.17 -20.94 -14.99
CA ALA A 79 -14.09 -21.38 -14.12
C ALA A 79 -13.12 -22.21 -14.95
N ASP A 80 -13.69 -23.09 -15.75
CA ASP A 80 -12.89 -23.95 -16.59
C ASP A 80 -12.15 -23.10 -17.62
N GLU A 81 -12.83 -22.13 -18.26
CA GLU A 81 -12.23 -21.33 -19.32
C GLU A 81 -10.98 -20.64 -18.78
N ALA A 82 -11.16 -20.07 -17.60
CA ALA A 82 -10.11 -19.32 -16.95
C ALA A 82 -8.95 -20.22 -16.65
N THR A 83 -9.25 -21.36 -16.05
CA THR A 83 -8.20 -22.26 -15.62
C THR A 83 -7.38 -22.70 -16.81
N GLU A 84 -8.07 -22.99 -17.90
CA GLU A 84 -7.41 -23.45 -19.11
C GLU A 84 -6.47 -22.35 -19.59
N ALA A 85 -6.92 -21.10 -19.50
CA ALA A 85 -6.10 -19.95 -19.90
C ALA A 85 -4.84 -19.84 -19.06
N PHE A 86 -5.04 -20.05 -17.76
CA PHE A 86 -3.93 -20.02 -16.86
C PHE A 86 -2.91 -21.04 -17.28
N GLU A 87 -3.37 -22.27 -17.49
CA GLU A 87 -2.50 -23.38 -17.78
C GLU A 87 -1.73 -22.95 -18.99
N SER A 88 -2.46 -22.46 -19.99
CA SER A 88 -1.91 -22.13 -21.30
C SER A 88 -0.69 -21.29 -21.11
N TRP A 89 -0.84 -20.30 -20.25
CA TRP A 89 0.28 -19.44 -19.94
C TRP A 89 1.35 -20.19 -19.19
N TYR A 90 0.96 -20.65 -18.01
CA TYR A 90 1.80 -21.39 -17.11
C TYR A 90 2.63 -22.42 -17.83
N LYS A 91 2.10 -22.94 -18.93
CA LYS A 91 2.82 -23.95 -19.66
C LYS A 91 3.31 -23.43 -21.02
N SER A 92 3.24 -22.12 -21.21
CA SER A 92 3.64 -21.54 -22.48
C SER A 92 5.15 -21.38 -22.44
N PHE A 93 5.75 -21.95 -21.41
CA PHE A 93 7.19 -21.93 -21.29
C PHE A 93 7.64 -23.09 -20.42
N SER A 94 8.93 -23.42 -20.55
CA SER A 94 9.48 -24.57 -19.87
C SER A 94 9.94 -24.13 -18.49
N ASN A 95 9.95 -25.09 -17.58
CA ASN A 95 10.52 -24.90 -16.26
C ASN A 95 11.96 -24.44 -16.37
N GLY A 96 12.32 -23.45 -15.57
CA GLY A 96 13.70 -23.00 -15.49
C GLY A 96 14.24 -22.12 -16.60
N ASP A 97 13.39 -21.68 -17.52
CA ASP A 97 13.83 -20.85 -18.63
C ASP A 97 14.39 -19.55 -18.04
N VAL A 98 15.37 -18.93 -18.68
CA VAL A 98 16.07 -17.75 -18.14
C VAL A 98 15.61 -16.43 -18.71
N ILE A 99 15.40 -15.46 -17.82
CA ILE A 99 14.93 -14.15 -18.26
C ILE A 99 15.85 -12.95 -17.99
N LEU A 100 16.79 -13.04 -17.05
CA LEU A 100 17.79 -11.96 -16.99
C LEU A 100 19.17 -12.52 -16.77
N GLU A 101 20.08 -12.27 -17.70
CA GLU A 101 21.42 -12.82 -17.55
C GLU A 101 22.43 -11.71 -17.64
N ILE A 102 23.39 -11.80 -16.76
CA ILE A 102 24.45 -10.82 -16.71
C ILE A 102 25.69 -11.59 -16.94
N ASN A 103 26.68 -10.90 -17.48
CA ASN A 103 27.92 -11.60 -17.73
C ASN A 103 28.59 -11.81 -16.40
N LYS A 104 29.48 -12.79 -16.38
CA LYS A 104 30.18 -13.21 -15.17
C LYS A 104 30.92 -12.01 -14.61
N GLU A 105 31.42 -11.20 -15.55
CA GLU A 105 32.25 -10.05 -15.25
C GLU A 105 31.62 -9.12 -14.24
N LEU A 106 30.30 -9.12 -14.21
CA LEU A 106 29.58 -8.10 -13.48
C LEU A 106 29.50 -8.41 -11.99
N LEU A 107 29.91 -9.63 -11.64
CA LEU A 107 29.83 -10.06 -10.24
C LEU A 107 30.73 -9.22 -9.32
N LYS A 108 31.90 -8.86 -9.81
CA LYS A 108 32.88 -8.13 -9.00
C LYS A 108 32.49 -6.67 -8.85
N GLU A 109 32.84 -6.11 -7.70
CA GLU A 109 32.77 -4.66 -7.50
C GLU A 109 31.32 -4.15 -7.68
N GLY A 110 31.12 -2.83 -7.57
CA GLY A 110 29.84 -2.25 -7.88
C GLY A 110 29.95 -1.62 -9.25
N SER A 111 31.14 -1.75 -9.82
CA SER A 111 31.40 -1.18 -11.12
C SER A 111 30.70 -2.08 -12.10
N GLY A 112 30.40 -1.50 -13.25
CA GLY A 112 29.47 -2.06 -14.21
C GLY A 112 28.08 -1.96 -13.60
N GLY A 113 27.97 -2.42 -12.35
CA GLY A 113 26.76 -2.34 -11.56
C GLY A 113 25.94 -3.63 -11.56
N THR A 114 24.85 -3.62 -12.31
CA THR A 114 24.55 -2.43 -13.07
C THR A 114 23.33 -1.65 -12.53
N SER A 115 23.02 -1.88 -11.24
CA SER A 115 22.05 -1.08 -10.45
C SER A 115 20.58 -1.49 -10.53
N PRO A 116 19.87 -1.39 -9.39
CA PRO A 116 18.49 -1.88 -9.30
C PRO A 116 17.61 -1.38 -10.40
N ILE A 117 17.39 -0.08 -10.57
CA ILE A 117 16.36 0.34 -11.52
C ILE A 117 16.71 -0.20 -12.91
N GLU A 118 17.99 -0.39 -13.19
CA GLU A 118 18.32 -1.00 -14.47
C GLU A 118 17.92 -2.45 -14.46
N LEU A 119 18.34 -3.20 -13.45
CA LEU A 119 18.03 -4.61 -13.44
C LEU A 119 16.52 -4.83 -13.46
N GLN A 120 15.80 -4.11 -12.61
CA GLN A 120 14.36 -4.24 -12.53
C GLN A 120 13.79 -3.94 -13.90
N THR A 121 14.27 -2.87 -14.52
CA THR A 121 13.75 -2.50 -15.82
C THR A 121 13.99 -3.60 -16.86
N LYS A 122 15.24 -3.90 -17.14
CA LYS A 122 15.61 -4.84 -18.21
C LYS A 122 14.89 -6.16 -18.01
N LEU A 123 14.72 -6.49 -16.74
CA LEU A 123 13.98 -7.66 -16.38
C LEU A 123 12.56 -7.51 -16.91
N ILE A 124 11.89 -6.43 -16.51
CA ILE A 124 10.48 -6.26 -16.85
C ILE A 124 10.32 -6.22 -18.36
N ASP A 125 11.24 -5.55 -19.04
CA ASP A 125 11.18 -5.42 -20.48
C ASP A 125 11.16 -6.83 -21.07
N ASN A 126 12.15 -7.65 -20.68
CA ASN A 126 12.25 -9.00 -21.21
C ASN A 126 10.97 -9.79 -20.97
N LEU A 127 10.43 -9.63 -19.76
CA LEU A 127 9.22 -10.33 -19.41
C LEU A 127 8.08 -10.00 -20.36
N LYS A 128 7.92 -8.70 -20.63
CA LYS A 128 6.84 -8.21 -21.47
C LYS A 128 6.98 -8.90 -22.82
N ALA A 129 8.22 -9.03 -23.29
CA ALA A 129 8.46 -9.68 -24.58
C ALA A 129 8.14 -11.19 -24.59
N LYS A 130 8.39 -11.85 -23.48
CA LYS A 130 8.07 -13.28 -23.43
C LYS A 130 6.57 -13.51 -23.38
N PHE A 131 5.88 -12.70 -22.59
CA PHE A 131 4.47 -12.96 -22.29
C PHE A 131 3.40 -12.28 -23.13
N GLY A 132 3.56 -10.98 -23.40
CA GLY A 132 2.58 -10.24 -24.16
C GLY A 132 1.18 -10.20 -23.55
N ASP A 133 0.18 -10.51 -24.35
CA ASP A 133 -1.22 -10.35 -23.95
C ASP A 133 -1.57 -11.21 -22.79
N LYS A 134 -0.75 -12.21 -22.54
CA LYS A 134 -1.14 -13.25 -21.62
C LYS A 134 -1.36 -12.74 -20.20
N VAL A 135 -0.73 -11.62 -19.85
CA VAL A 135 -0.96 -11.03 -18.54
C VAL A 135 -1.32 -9.54 -18.59
N SER A 136 -2.15 -9.14 -17.65
CA SER A 136 -2.68 -7.80 -17.62
C SER A 136 -1.54 -6.82 -17.44
N ASP A 137 -1.71 -5.56 -17.79
CA ASP A 137 -0.58 -4.65 -17.71
C ASP A 137 -0.22 -4.31 -16.27
N ASP A 138 -1.22 -4.35 -15.42
CA ASP A 138 -0.99 -4.07 -14.01
C ASP A 138 -0.16 -5.15 -13.41
N PHE A 139 0.01 -6.25 -14.14
CA PHE A 139 0.83 -7.36 -13.68
C PHE A 139 2.30 -6.93 -13.60
N TYR A 140 2.81 -6.43 -14.71
CA TYR A 140 4.14 -5.88 -14.78
C TYR A 140 4.20 -4.70 -13.84
N THR A 141 3.13 -3.92 -13.85
CA THR A 141 3.07 -2.69 -13.09
C THR A 141 3.33 -3.00 -11.63
N SER A 142 2.55 -3.96 -11.13
CA SER A 142 2.56 -4.37 -9.75
C SER A 142 3.87 -4.99 -9.36
N LEU A 143 4.46 -5.72 -10.29
CA LEU A 143 5.73 -6.32 -10.00
C LEU A 143 6.82 -5.30 -9.83
N GLN A 144 6.84 -4.30 -10.71
CA GLN A 144 7.83 -3.23 -10.58
C GLN A 144 7.65 -2.48 -9.28
N ALA A 145 6.39 -2.25 -8.89
CA ALA A 145 6.11 -1.59 -7.63
C ALA A 145 6.68 -2.45 -6.52
N SER A 146 6.57 -3.76 -6.70
CA SER A 146 6.97 -4.72 -5.68
C SER A 146 8.44 -4.61 -5.36
N PHE A 147 9.24 -4.17 -6.32
CA PHE A 147 10.65 -3.93 -6.05
C PHE A 147 10.76 -2.72 -5.16
N ASN A 148 11.35 -1.66 -5.70
CA ASN A 148 11.27 -0.35 -5.06
C ASN A 148 11.91 -0.52 -3.71
N PHE A 149 11.25 -1.30 -2.85
CA PHE A 149 11.81 -1.69 -1.58
C PHE A 149 12.06 -3.19 -1.47
N ASN A 150 11.84 -3.92 -2.58
CA ASN A 150 12.31 -5.31 -2.70
C ASN A 150 13.19 -5.42 -3.94
N PRO A 151 14.41 -4.88 -3.84
CA PRO A 151 15.31 -4.56 -4.96
C PRO A 151 15.95 -5.76 -5.64
N VAL A 152 16.41 -5.55 -6.87
CA VAL A 152 17.23 -6.51 -7.60
C VAL A 152 18.69 -6.03 -7.63
N ILE A 153 19.64 -6.86 -7.22
CA ILE A 153 21.02 -6.38 -7.06
C ILE A 153 22.05 -7.48 -7.28
N VAL A 154 23.33 -7.10 -7.36
CA VAL A 154 24.38 -8.12 -7.34
C VAL A 154 25.07 -8.11 -5.97
N ASP A 155 25.01 -9.27 -5.30
CA ASP A 155 25.54 -9.36 -3.94
C ASP A 155 26.84 -10.14 -3.86
N GLY A 156 27.80 -9.59 -3.13
CA GLY A 156 29.17 -10.04 -3.19
C GLY A 156 29.30 -11.53 -2.99
N THR A 157 28.49 -12.08 -2.09
CA THR A 157 28.46 -13.53 -1.97
C THR A 157 27.37 -14.12 -2.82
N LYS A 158 26.18 -13.53 -2.72
CA LYS A 158 25.01 -14.13 -3.35
C LYS A 158 25.06 -13.98 -4.85
N GLY A 159 25.83 -13.00 -5.32
CA GLY A 159 25.81 -12.63 -6.71
C GLY A 159 24.52 -11.89 -7.01
N LEU A 160 23.97 -12.13 -8.20
CA LEU A 160 22.74 -11.48 -8.62
C LEU A 160 21.52 -12.15 -8.00
N THR A 161 20.68 -11.34 -7.37
CA THR A 161 19.54 -11.83 -6.64
C THR A 161 18.47 -10.78 -6.45
N ILE A 162 17.35 -11.24 -5.89
CA ILE A 162 16.27 -10.35 -5.46
C ILE A 162 16.14 -10.37 -3.96
N SER A 163 16.39 -9.23 -3.35
CA SER A 163 16.50 -9.19 -1.92
C SER A 163 15.18 -8.82 -1.30
N LYS A 164 14.75 -9.64 -0.35
CA LYS A 164 13.55 -9.35 0.41
C LYS A 164 13.93 -8.35 1.50
N GLN A 165 13.48 -7.12 1.33
CA GLN A 165 13.82 -6.08 2.27
C GLN A 165 12.61 -5.33 2.69
N ASN A 166 11.44 -5.89 2.47
CA ASN A 166 10.28 -5.12 2.80
C ASN A 166 9.57 -5.73 3.98
N ASP A 167 9.25 -4.87 4.94
CA ASP A 167 8.54 -5.30 6.14
C ASP A 167 7.19 -5.77 5.66
N ASP A 168 6.77 -5.22 4.53
CA ASP A 168 5.50 -5.57 3.96
C ASP A 168 5.70 -6.90 3.32
N GLU A 169 4.98 -7.87 3.82
CA GLU A 169 5.10 -9.17 3.27
C GLU A 169 4.52 -9.14 1.89
N SER A 170 3.45 -8.36 1.68
CA SER A 170 2.71 -8.39 0.41
C SER A 170 3.55 -7.92 -0.75
N GLN A 171 4.49 -7.02 -0.49
CA GLN A 171 5.34 -6.59 -1.58
C GLN A 171 6.11 -7.76 -2.15
N TRP A 172 6.42 -8.73 -1.29
CA TRP A 172 7.13 -9.92 -1.72
C TRP A 172 6.26 -10.87 -2.54
N PHE A 173 4.95 -10.70 -2.42
CA PHE A 173 4.06 -11.70 -3.01
C PHE A 173 4.20 -11.76 -4.54
N SER A 174 4.56 -10.64 -5.17
CA SER A 174 4.64 -10.62 -6.64
C SER A 174 5.82 -11.44 -7.14
N THR A 175 6.70 -11.83 -6.21
CA THR A 175 7.93 -12.48 -6.59
C THR A 175 7.75 -13.96 -6.62
N TRP A 176 6.51 -14.41 -6.51
CA TRP A 176 6.28 -15.83 -6.25
C TRP A 176 6.83 -16.73 -7.36
N PHE A 177 6.69 -16.31 -8.61
CA PHE A 177 7.08 -17.17 -9.74
C PHE A 177 8.54 -17.00 -10.15
N LEU A 178 9.41 -16.54 -9.27
CA LEU A 178 10.76 -16.22 -9.72
C LEU A 178 11.89 -16.84 -8.87
N ASP A 179 13.03 -17.15 -9.50
CA ASP A 179 14.15 -17.70 -8.71
C ASP A 179 15.54 -17.53 -9.35
N THR A 180 16.57 -17.90 -8.56
CA THR A 180 17.97 -17.84 -8.94
C THR A 180 18.56 -19.24 -9.20
N GLU A 181 19.38 -19.36 -10.23
CA GLU A 181 19.92 -20.64 -10.67
C GLU A 181 20.75 -21.26 -9.56
N LYS A 182 21.60 -20.46 -8.93
CA LYS A 182 22.57 -20.95 -7.94
C LYS A 182 22.37 -20.21 -6.61
N LYS A 183 22.60 -20.86 -5.47
CA LYS A 183 22.42 -20.15 -4.20
C LYS A 183 23.62 -19.27 -3.85
N GLU A 184 24.78 -19.53 -4.46
CA GLU A 184 25.96 -18.70 -4.20
C GLU A 184 26.61 -18.25 -5.50
N LYS A 185 26.93 -16.97 -5.57
CA LYS A 185 27.60 -16.38 -6.73
C LYS A 185 26.86 -16.66 -8.06
N ASN A 186 25.56 -16.36 -8.10
CA ASN A 186 24.74 -16.60 -9.28
C ASN A 186 24.92 -15.56 -10.40
N THR A 187 24.64 -15.93 -11.64
CA THR A 187 24.74 -14.98 -12.76
C THR A 187 23.45 -14.90 -13.58
N LYS A 188 22.46 -15.73 -13.27
CA LYS A 188 21.23 -15.83 -14.09
C LYS A 188 19.92 -15.77 -13.26
N ILE A 189 18.84 -15.30 -13.92
CA ILE A 189 17.47 -15.23 -13.33
C ILE A 189 16.33 -15.84 -14.17
N ILE A 190 15.56 -16.72 -13.49
CA ILE A 190 14.70 -17.69 -14.15
C ILE A 190 13.26 -17.83 -13.66
N VAL A 191 12.48 -18.51 -14.50
CA VAL A 191 11.09 -18.87 -14.23
C VAL A 191 10.85 -20.37 -13.88
N ARG A 192 9.81 -20.65 -13.09
CA ARG A 192 9.48 -22.02 -12.66
C ARG A 192 8.01 -22.34 -12.88
N ASN A 193 7.70 -23.44 -13.56
CA ASN A 193 6.32 -23.86 -13.72
C ASN A 193 6.05 -25.23 -13.10
N ASP A 194 6.81 -25.55 -12.06
CA ASP A 194 6.73 -26.84 -11.40
C ASP A 194 6.02 -26.82 -10.05
N PHE A 195 5.03 -25.94 -9.88
CA PHE A 195 4.22 -25.94 -8.67
C PHE A 195 2.83 -26.43 -8.91
N PRO A 196 2.24 -27.09 -7.91
CA PRO A 196 0.86 -27.50 -8.07
C PRO A 196 -0.09 -26.32 -7.90
N PHE A 197 -1.13 -26.29 -8.73
CA PHE A 197 -2.10 -25.21 -8.74
C PHE A 197 -3.50 -25.78 -8.79
N GLU A 198 -4.44 -25.07 -8.21
CA GLU A 198 -5.82 -25.56 -8.17
C GLU A 198 -6.77 -24.38 -8.23
N TRP A 199 -7.84 -24.54 -9.01
CA TRP A 199 -8.86 -23.52 -9.15
C TRP A 199 -9.48 -23.30 -7.80
N VAL A 200 -9.90 -22.08 -7.49
CA VAL A 200 -10.46 -21.84 -6.18
C VAL A 200 -11.83 -21.19 -6.25
N ASP A 201 -12.75 -21.58 -5.37
CA ASP A 201 -14.06 -20.93 -5.30
C ASP A 201 -14.09 -19.78 -4.32
N TRP A 202 -13.68 -18.61 -4.78
CA TRP A 202 -13.63 -17.47 -3.91
C TRP A 202 -15.03 -17.03 -3.49
N ARG A 203 -15.92 -16.90 -4.48
CA ARG A 203 -17.24 -16.29 -4.25
C ARG A 203 -18.00 -16.98 -3.14
N ASN A 204 -17.83 -18.29 -3.02
CA ASN A 204 -18.50 -19.03 -1.97
C ASN A 204 -17.57 -19.48 -0.84
N LYS A 205 -16.36 -19.93 -1.18
CA LYS A 205 -15.48 -20.43 -0.13
C LYS A 205 -14.46 -19.41 0.36
N GLY A 206 -13.61 -18.94 -0.54
CA GLY A 206 -12.50 -18.08 -0.14
C GLY A 206 -12.91 -16.77 0.50
N GLN A 207 -13.92 -16.13 -0.07
CA GLN A 207 -14.33 -14.80 0.36
C GLN A 207 -14.74 -14.79 1.82
N HIS A 208 -15.44 -15.82 2.24
CA HIS A 208 -15.86 -15.87 3.63
C HIS A 208 -14.79 -16.46 4.55
N ASP A 209 -13.90 -17.25 3.97
CA ASP A 209 -12.89 -17.94 4.77
C ASP A 209 -12.03 -16.96 5.54
N GLU A 210 -12.13 -17.00 6.85
CA GLU A 210 -11.35 -16.13 7.71
C GLU A 210 -9.88 -16.49 7.53
N LYS A 211 -9.00 -15.58 7.94
CA LYS A 211 -7.53 -15.67 7.81
C LYS A 211 -7.10 -15.13 6.45
N VAL A 212 -7.91 -15.38 5.42
CA VAL A 212 -7.68 -14.81 4.09
C VAL A 212 -8.92 -14.41 3.33
N GLY A 213 -10.08 -14.37 3.98
CA GLY A 213 -11.30 -14.00 3.31
C GLY A 213 -11.21 -12.61 2.74
N LYS A 214 -10.27 -11.84 3.28
CA LYS A 214 -10.22 -10.45 2.91
C LYS A 214 -9.04 -10.02 2.07
N ILE A 215 -8.20 -10.96 1.65
CA ILE A 215 -7.03 -10.58 0.85
C ILE A 215 -7.44 -9.95 -0.48
N PHE A 216 -8.64 -10.29 -0.96
CA PHE A 216 -9.18 -9.67 -2.16
C PHE A 216 -10.37 -8.77 -1.86
N LYS A 217 -10.03 -7.55 -1.49
CA LYS A 217 -11.01 -6.53 -1.18
C LYS A 217 -11.44 -5.83 -2.46
N ASN A 218 -10.59 -5.91 -3.45
CA ASN A 218 -10.76 -5.11 -4.65
C ASN A 218 -11.82 -5.58 -5.66
N VAL A 219 -12.47 -6.70 -5.40
CA VAL A 219 -13.46 -7.19 -6.36
C VAL A 219 -14.81 -7.36 -5.69
N ASP A 220 -15.89 -7.07 -6.42
CA ASP A 220 -17.23 -7.21 -5.85
C ASP A 220 -17.58 -8.66 -5.58
N TRP A 221 -17.26 -9.53 -6.55
CA TRP A 221 -17.49 -10.97 -6.44
C TRP A 221 -18.99 -11.25 -6.60
N ASP A 222 -19.80 -10.67 -5.73
CA ASP A 222 -21.25 -10.86 -5.77
C ASP A 222 -21.93 -10.33 -7.02
N ASN A 223 -21.32 -9.36 -7.69
CA ASN A 223 -21.89 -8.90 -8.95
C ASN A 223 -20.92 -8.86 -10.13
N ASP A 224 -19.69 -9.29 -9.91
CA ASP A 224 -18.65 -9.14 -10.94
C ASP A 224 -18.23 -10.45 -11.52
N LEU A 225 -18.34 -10.58 -12.84
CA LEU A 225 -17.97 -11.83 -13.47
C LEU A 225 -16.56 -11.83 -14.11
N SER A 226 -15.90 -10.68 -14.18
CA SER A 226 -14.60 -10.59 -14.86
C SER A 226 -13.49 -11.29 -14.10
N TYR A 227 -13.72 -11.58 -12.82
CA TYR A 227 -12.63 -12.11 -12.00
C TYR A 227 -12.82 -13.50 -11.43
N GLU A 228 -11.72 -14.25 -11.41
CA GLU A 228 -11.67 -15.59 -10.84
C GLU A 228 -10.36 -15.79 -10.08
N VAL A 229 -10.34 -16.74 -9.15
CA VAL A 229 -9.18 -16.92 -8.27
C VAL A 229 -8.51 -18.30 -8.38
N ILE A 230 -7.18 -18.28 -8.32
CA ILE A 230 -6.37 -19.47 -8.38
C ILE A 230 -5.58 -19.64 -7.08
N GLY A 231 -5.39 -20.89 -6.66
CA GLY A 231 -4.65 -21.19 -5.46
C GLY A 231 -3.41 -21.99 -5.80
N ILE A 232 -2.28 -21.66 -5.15
CA ILE A 232 -1.02 -22.34 -5.40
C ILE A 232 -0.32 -22.95 -4.16
N ASP A 233 0.22 -24.17 -4.29
CA ASP A 233 0.74 -24.91 -3.12
C ASP A 233 2.30 -25.05 -3.07
N PHE A 234 2.93 -24.39 -2.10
CA PHE A 234 4.39 -24.35 -2.00
C PHE A 234 4.97 -25.32 -0.96
N THR A 235 4.13 -26.20 -0.41
CA THR A 235 4.51 -27.06 0.71
C THR A 235 5.62 -28.10 0.49
N GLU A 236 5.66 -28.73 -0.69
CA GLU A 236 6.67 -29.78 -0.98
C GLU A 236 7.64 -29.41 -2.12
N ALA A 237 8.02 -28.13 -2.17
CA ALA A 237 8.96 -27.60 -3.17
C ALA A 237 9.86 -26.56 -2.49
N THR A 238 10.98 -26.26 -3.15
CA THR A 238 12.02 -25.43 -2.54
C THR A 238 12.50 -24.25 -3.41
N LYS A 239 12.82 -23.11 -2.77
CA LYS A 239 13.45 -21.97 -3.48
C LYS A 239 14.69 -21.41 -2.81
N ASN A 240 15.54 -20.79 -3.64
CA ASN A 240 16.80 -20.20 -3.20
C ASN A 240 16.61 -18.84 -2.55
N ILE A 241 15.36 -18.37 -2.56
CA ILE A 241 15.01 -17.12 -1.91
C ILE A 241 13.82 -17.37 -0.99
N GLU A 242 13.52 -16.35 -0.18
CA GLU A 242 12.52 -16.48 0.87
C GLU A 242 11.29 -16.96 0.17
N THR A 243 10.56 -17.83 0.84
CA THR A 243 9.46 -18.47 0.18
C THR A 243 8.21 -18.15 0.96
N ASN A 244 7.08 -18.16 0.27
CA ASN A 244 5.84 -18.08 1.00
C ASN A 244 5.24 -19.43 0.90
N GLN A 245 4.24 -19.66 1.72
CA GLN A 245 3.50 -20.88 1.58
C GLN A 245 2.03 -20.59 1.36
N ILE A 246 1.52 -21.05 0.22
CA ILE A 246 0.13 -20.88 -0.19
C ILE A 246 -0.21 -19.43 -0.51
N LEU A 247 -0.52 -19.17 -1.78
CA LEU A 247 -0.88 -17.83 -2.28
C LEU A 247 -2.00 -17.90 -3.31
N PHE A 248 -2.73 -16.80 -3.50
CA PHE A 248 -3.82 -16.79 -4.47
C PHE A 248 -3.67 -15.69 -5.51
N VAL A 249 -3.95 -16.03 -6.77
CA VAL A 249 -3.78 -15.10 -7.88
C VAL A 249 -5.05 -14.94 -8.74
N GLN A 250 -5.40 -13.70 -9.09
CA GLN A 250 -6.66 -13.48 -9.82
C GLN A 250 -6.56 -13.22 -11.32
N MET A 251 -7.55 -13.76 -12.01
CA MET A 251 -7.59 -13.68 -13.45
C MET A 251 -8.75 -12.79 -13.79
N HIS A 252 -8.54 -12.03 -14.84
CA HIS A 252 -9.52 -11.07 -15.27
C HIS A 252 -9.81 -11.38 -16.72
N TYR A 253 -11.08 -11.37 -17.12
CA TYR A 253 -11.39 -11.57 -18.54
C TYR A 253 -11.28 -10.24 -19.25
N ASN A 254 -10.43 -10.16 -20.26
CA ASN A 254 -10.28 -8.87 -20.92
C ASN A 254 -11.24 -8.61 -22.06
N GLU A 255 -12.22 -7.76 -21.78
CA GLU A 255 -13.29 -7.46 -22.72
C GLU A 255 -12.76 -7.05 -24.07
N LYS A 256 -11.82 -6.12 -24.08
CA LYS A 256 -11.28 -5.62 -25.33
C LYS A 256 -10.58 -6.73 -26.11
N ILE A 257 -9.78 -7.51 -25.39
CA ILE A 257 -9.00 -8.59 -25.98
C ILE A 257 -9.78 -9.89 -26.25
N GLY A 258 -10.77 -10.15 -25.42
CA GLY A 258 -11.62 -11.34 -25.57
C GLY A 258 -11.06 -12.63 -24.97
N LYS A 259 -10.10 -12.46 -24.05
CA LYS A 259 -9.52 -13.61 -23.38
C LYS A 259 -9.17 -13.26 -21.96
N TRP A 260 -8.91 -14.29 -21.16
CA TRP A 260 -8.49 -14.15 -19.77
C TRP A 260 -7.02 -13.74 -19.67
N GLN A 261 -6.72 -12.98 -18.63
CA GLN A 261 -5.38 -12.50 -18.37
C GLN A 261 -5.08 -12.72 -16.89
N VAL A 262 -3.80 -12.84 -16.57
CA VAL A 262 -3.36 -13.09 -15.21
C VAL A 262 -3.00 -11.76 -14.58
N THR A 263 -3.74 -11.31 -13.58
CA THR A 263 -3.47 -9.98 -13.05
C THR A 263 -2.26 -10.04 -12.13
N GLY A 264 -1.85 -8.89 -11.60
CA GLY A 264 -0.72 -8.85 -10.70
C GLY A 264 -1.21 -8.85 -9.27
N ASN A 265 -2.50 -9.13 -9.09
CA ASN A 265 -3.12 -9.10 -7.78
C ASN A 265 -3.02 -10.43 -7.06
N VAL A 266 -2.27 -10.47 -5.96
CA VAL A 266 -1.95 -11.70 -5.28
C VAL A 266 -1.87 -11.49 -3.75
N GLY A 267 -2.01 -12.58 -2.97
CA GLY A 267 -1.90 -12.52 -1.51
C GLY A 267 -2.20 -13.80 -0.72
N GLY A 268 -1.94 -13.79 0.60
CA GLY A 268 -2.46 -14.83 1.48
C GLY A 268 -1.67 -15.65 2.50
N VAL A 269 -0.87 -15.03 3.37
CA VAL A 269 -0.28 -15.75 4.51
C VAL A 269 -0.72 -15.15 5.85
N SER B 66 13.60 32.75 0.40
CA SER B 66 14.96 32.61 -0.09
C SER B 66 15.22 31.15 -0.43
N SER B 67 16.01 30.91 -1.46
CA SER B 67 16.16 29.57 -2.00
C SER B 67 16.92 28.69 -1.05
N ASP B 68 17.97 29.27 -0.48
CA ASP B 68 18.93 28.46 0.24
C ASP B 68 18.49 28.42 1.67
N HIS B 69 17.24 28.81 1.88
CA HIS B 69 16.75 29.07 3.22
C HIS B 69 17.06 27.91 4.12
N LEU B 70 16.96 26.70 3.59
CA LEU B 70 17.39 25.56 4.38
C LEU B 70 18.88 25.43 4.57
N LEU B 71 19.67 25.78 3.56
CA LEU B 71 21.08 25.46 3.61
C LEU B 71 21.79 26.35 4.60
N LYS B 72 21.37 27.61 4.63
CA LYS B 72 22.03 28.60 5.47
C LYS B 72 21.71 28.30 6.94
N LEU B 73 20.51 27.81 7.23
CA LEU B 73 20.10 27.53 8.62
C LEU B 73 20.81 26.33 9.24
N SER B 74 20.80 26.25 10.56
CA SER B 74 21.48 25.16 11.22
C SER B 74 20.42 24.18 11.57
N ALA B 75 20.84 22.95 11.85
CA ALA B 75 19.92 21.86 12.02
C ALA B 75 18.96 22.15 13.14
N LYS B 76 19.45 22.67 14.25
CA LYS B 76 18.57 22.89 15.37
C LYS B 76 17.62 24.00 15.00
N GLU B 77 18.13 24.98 14.25
CA GLU B 77 17.33 26.12 13.84
C GLU B 77 16.18 25.57 13.03
N ARG B 78 16.48 24.57 12.22
CA ARG B 78 15.47 23.92 11.41
C ARG B 78 14.44 23.19 12.25
N ALA B 79 14.92 22.44 13.23
CA ALA B 79 14.07 21.61 14.05
C ALA B 79 13.06 22.52 14.69
N ASP B 80 13.57 23.63 15.20
CA ASP B 80 12.75 24.61 15.88
C ASP B 80 11.74 25.25 14.90
N GLU B 81 12.20 25.60 13.70
CA GLU B 81 11.34 26.27 12.70
C GLU B 81 10.15 25.38 12.41
N ALA B 82 10.47 24.12 12.20
CA ALA B 82 9.45 23.14 11.86
C ALA B 82 8.46 23.06 12.99
N THR B 83 8.96 22.96 14.21
CA THR B 83 8.07 22.82 15.33
C THR B 83 7.16 24.01 15.55
N GLU B 84 7.68 25.22 15.35
CA GLU B 84 6.86 26.40 15.50
C GLU B 84 5.78 26.29 14.45
N ALA B 85 6.16 25.82 13.27
CA ALA B 85 5.16 25.69 12.21
C ALA B 85 4.06 24.72 12.63
N PHE B 86 4.48 23.60 13.21
CA PHE B 86 3.55 22.61 13.67
C PHE B 86 2.62 23.16 14.72
N GLU B 87 3.19 23.79 15.74
CA GLU B 87 2.44 24.30 16.87
C GLU B 87 1.42 25.18 16.20
N SER B 88 1.94 26.02 15.32
CA SER B 88 1.19 27.10 14.69
C SER B 88 -0.05 26.54 14.04
N TRP B 89 0.14 25.44 13.34
CA TRP B 89 -0.98 24.78 12.70
C TRP B 89 -1.90 24.22 13.77
N TYR B 90 -1.36 23.24 14.48
CA TYR B 90 -2.01 22.50 15.53
C TYR B 90 -2.82 23.35 16.51
N LYS B 91 -2.45 24.61 16.71
CA LYS B 91 -3.19 25.44 17.65
C LYS B 91 -3.96 26.53 16.94
N SER B 92 -4.03 26.44 15.61
CA SER B 92 -4.69 27.47 14.83
C SER B 92 -6.17 27.19 14.86
N PHE B 93 -6.52 26.21 15.65
CA PHE B 93 -7.89 25.86 15.84
C PHE B 93 -7.93 25.20 17.18
N SER B 94 -9.14 25.10 17.73
CA SER B 94 -9.39 24.57 19.04
C SER B 94 -9.78 23.09 19.01
N ASN B 95 -9.56 22.40 20.13
CA ASN B 95 -10.02 21.04 20.35
C ASN B 95 -11.54 21.05 20.15
N GLY B 96 -12.09 20.02 19.52
CA GLY B 96 -13.53 19.90 19.39
C GLY B 96 -14.25 20.69 18.31
N ASP B 97 -13.53 21.33 17.39
CA ASP B 97 -14.17 22.11 16.31
C ASP B 97 -14.96 21.20 15.37
N VAL B 98 -16.06 21.70 14.80
CA VAL B 98 -16.89 20.83 13.94
C VAL B 98 -16.54 21.04 12.48
N ILE B 99 -16.24 19.92 11.82
CA ILE B 99 -15.84 19.95 10.42
C ILE B 99 -16.75 19.15 9.49
N LEU B 100 -17.53 18.22 10.04
CA LEU B 100 -18.56 17.60 9.22
C LEU B 100 -19.80 17.44 10.05
N GLU B 101 -20.90 18.03 9.63
CA GLU B 101 -22.10 17.91 10.42
C GLU B 101 -23.24 17.46 9.54
N ILE B 102 -24.08 16.62 10.12
CA ILE B 102 -25.31 16.24 9.46
C ILE B 102 -26.44 16.58 10.38
N ASN B 103 -27.59 16.88 9.79
CA ASN B 103 -28.75 17.19 10.59
C ASN B 103 -29.24 15.89 11.23
N LYS B 104 -30.03 16.02 12.29
CA LYS B 104 -30.48 14.84 13.03
C LYS B 104 -31.24 13.91 12.08
N GLU B 105 -31.98 14.52 11.16
CA GLU B 105 -32.88 13.80 10.28
C GLU B 105 -32.15 12.70 9.51
N LEU B 106 -30.86 12.90 9.29
CA LEU B 106 -30.11 12.02 8.42
C LEU B 106 -29.69 10.72 9.08
N LEU B 107 -29.88 10.67 10.41
CA LEU B 107 -29.41 9.57 11.24
C LEU B 107 -30.03 8.21 10.88
N LYS B 108 -31.31 8.22 10.54
CA LYS B 108 -32.01 6.99 10.26
C LYS B 108 -31.68 6.45 8.87
N GLU B 109 -31.61 5.12 8.79
CA GLU B 109 -31.54 4.37 7.53
C GLU B 109 -30.39 4.83 6.61
N GLY B 110 -30.48 4.42 5.35
CA GLY B 110 -29.55 4.90 4.34
C GLY B 110 -30.12 6.02 3.49
N SER B 111 -31.32 6.50 3.84
CA SER B 111 -31.98 7.55 3.06
C SER B 111 -31.31 8.86 3.37
N GLY B 112 -31.39 9.77 2.41
CA GLY B 112 -30.61 10.99 2.44
C GLY B 112 -29.17 10.58 2.22
N GLY B 113 -28.77 9.54 2.96
CA GLY B 113 -27.50 8.85 2.89
C GLY B 113 -26.46 9.25 3.93
N THR B 114 -25.51 10.03 3.46
CA THR B 114 -25.65 10.46 2.10
C THR B 114 -24.69 9.67 1.20
N SER B 115 -24.33 8.50 1.73
CA SER B 115 -23.52 7.48 1.08
C SER B 115 -22.09 7.88 1.33
N PRO B 116 -21.25 6.92 1.67
CA PRO B 116 -19.90 7.19 2.17
C PRO B 116 -19.16 8.23 1.35
N ILE B 117 -19.11 8.03 0.05
CA ILE B 117 -18.24 8.83 -0.79
C ILE B 117 -18.56 10.30 -0.66
N GLU B 118 -19.82 10.57 -0.37
CA GLU B 118 -20.25 11.93 -0.24
C GLU B 118 -19.76 12.51 1.07
N LEU B 119 -19.96 11.73 2.12
CA LEU B 119 -19.59 12.14 3.47
C LEU B 119 -18.12 12.50 3.46
N GLN B 120 -17.33 11.60 2.92
CA GLN B 120 -15.91 11.78 2.82
C GLN B 120 -15.56 13.00 1.98
N THR B 121 -16.22 13.17 0.85
CA THR B 121 -15.90 14.31 0.01
C THR B 121 -16.11 15.63 0.73
N LYS B 122 -17.32 15.82 1.19
CA LYS B 122 -17.70 17.02 1.88
C LYS B 122 -16.76 17.27 3.05
N LEU B 123 -16.38 16.18 3.71
CA LEU B 123 -15.45 16.29 4.80
C LEU B 123 -14.15 16.87 4.33
N ILE B 124 -13.57 16.25 3.32
CA ILE B 124 -12.25 16.66 2.88
C ILE B 124 -12.30 18.11 2.40
N ASP B 125 -13.34 18.46 1.66
CA ASP B 125 -13.46 19.81 1.12
C ASP B 125 -13.44 20.79 2.29
N ASN B 126 -14.28 20.52 3.29
CA ASN B 126 -14.35 21.36 4.47
C ASN B 126 -12.99 21.48 5.16
N LEU B 127 -12.29 20.36 5.25
CA LEU B 127 -10.96 20.37 5.84
C LEU B 127 -10.03 21.31 5.08
N LYS B 128 -10.14 21.25 3.76
CA LYS B 128 -9.33 22.07 2.89
C LYS B 128 -9.62 23.53 3.24
N ALA B 129 -10.90 23.85 3.47
CA ALA B 129 -11.27 25.24 3.78
C ALA B 129 -10.68 25.71 5.11
N LYS B 130 -10.67 24.84 6.10
CA LYS B 130 -10.13 25.25 7.39
C LYS B 130 -8.61 25.41 7.39
N PHE B 131 -7.94 24.42 6.83
CA PHE B 131 -6.48 24.28 6.91
C PHE B 131 -5.70 24.95 5.84
N GLY B 132 -6.17 24.79 4.61
CA GLY B 132 -5.53 25.37 3.45
C GLY B 132 -4.07 25.01 3.25
N ASP B 133 -3.31 26.07 3.08
CA ASP B 133 -1.92 26.04 2.70
C ASP B 133 -1.11 25.30 3.73
N LYS B 134 -1.67 25.21 4.92
CA LYS B 134 -0.92 24.74 6.08
C LYS B 134 -0.53 23.28 5.96
N VAL B 135 -1.23 22.53 5.10
CA VAL B 135 -0.90 21.12 4.88
C VAL B 135 -0.72 20.74 3.40
N SER B 136 0.15 19.78 3.15
CA SER B 136 0.48 19.37 1.79
C SER B 136 -0.72 18.73 1.12
N ASP B 137 -0.73 18.63 -0.22
CA ASP B 137 -1.87 18.00 -0.86
C ASP B 137 -1.89 16.50 -0.64
N ASP B 138 -0.74 15.90 -0.42
CA ASP B 138 -0.72 14.47 -0.13
C ASP B 138 -1.33 14.22 1.20
N PHE B 139 -1.50 15.26 1.99
CA PHE B 139 -2.16 15.13 3.27
C PHE B 139 -3.60 14.75 3.02
N TYR B 140 -4.28 15.59 2.25
CA TYR B 140 -5.65 15.33 1.87
C TYR B 140 -5.73 14.05 1.06
N THR B 141 -4.74 13.84 0.20
CA THR B 141 -4.72 12.69 -0.69
C THR B 141 -4.65 11.40 0.10
N SER B 142 -3.69 11.31 1.02
CA SER B 142 -3.44 10.12 1.83
C SER B 142 -4.62 9.87 2.69
N LEU B 143 -5.24 10.96 3.11
CA LEU B 143 -6.45 10.84 3.90
C LEU B 143 -7.60 10.27 3.09
N GLN B 144 -7.74 10.78 1.88
CA GLN B 144 -8.82 10.36 1.01
C GLN B 144 -8.66 8.89 0.77
N ALA B 145 -7.41 8.48 0.55
CA ALA B 145 -7.10 7.09 0.35
C ALA B 145 -7.47 6.34 1.60
N SER B 146 -7.21 6.97 2.73
CA SER B 146 -7.38 6.30 4.01
C SER B 146 -8.80 5.83 4.27
N PHE B 147 -9.81 6.49 3.71
CA PHE B 147 -11.17 6.00 3.91
C PHE B 147 -11.33 4.76 3.09
N ASN B 148 -12.16 4.84 2.06
CA ASN B 148 -12.16 3.83 1.03
C ASN B 148 -12.52 2.48 1.64
N PHE B 149 -11.66 2.03 2.55
CA PHE B 149 -11.92 0.83 3.33
C PHE B 149 -12.08 1.15 4.80
N ASN B 150 -11.99 2.44 5.12
CA ASN B 150 -12.35 2.94 6.44
C ASN B 150 -13.45 3.93 6.21
N PRO B 151 -14.65 3.42 5.96
CA PRO B 151 -15.69 4.30 5.41
C PRO B 151 -16.19 5.30 6.44
N VAL B 152 -16.79 6.38 5.95
CA VAL B 152 -17.55 7.28 6.79
C VAL B 152 -18.99 6.95 6.47
N ILE B 153 -19.78 6.63 7.49
CA ILE B 153 -21.12 6.14 7.27
C ILE B 153 -21.99 6.58 8.41
N VAL B 154 -23.29 6.36 8.25
CA VAL B 154 -24.18 6.50 9.37
C VAL B 154 -24.45 5.08 9.84
N ASP B 155 -24.18 4.85 11.11
CA ASP B 155 -24.35 3.53 11.65
C ASP B 155 -25.61 3.54 12.47
N GLY B 156 -26.43 2.52 12.28
CA GLY B 156 -27.76 2.50 12.86
C GLY B 156 -27.67 2.70 14.35
N THR B 157 -26.65 2.11 14.96
CA THR B 157 -26.41 2.35 16.38
C THR B 157 -25.42 3.51 16.62
N LYS B 158 -24.28 3.50 15.93
CA LYS B 158 -23.19 4.45 16.21
C LYS B 158 -23.46 5.89 15.71
N GLY B 159 -24.40 6.02 14.77
CA GLY B 159 -24.63 7.29 14.10
C GLY B 159 -23.58 7.64 13.06
N LEU B 160 -23.25 8.91 12.94
CA LEU B 160 -22.28 9.36 11.96
C LEU B 160 -20.91 9.01 12.47
N THR B 161 -20.16 8.25 11.68
CA THR B 161 -18.88 7.81 12.18
C THR B 161 -17.95 7.35 11.09
N ILE B 162 -16.74 7.01 11.52
CA ILE B 162 -15.78 6.37 10.64
C ILE B 162 -15.41 4.99 11.10
N SER B 163 -15.75 4.00 10.28
CA SER B 163 -15.62 2.62 10.71
C SER B 163 -14.28 2.08 10.28
N LYS B 164 -13.57 1.55 11.26
CA LYS B 164 -12.31 0.89 10.98
C LYS B 164 -12.69 -0.46 10.43
N GLN B 165 -12.55 -0.61 9.11
CA GLN B 165 -12.89 -1.86 8.45
C GLN B 165 -11.67 -2.28 7.66
N ASN B 166 -10.52 -1.68 7.96
CA ASN B 166 -9.33 -1.96 7.19
C ASN B 166 -8.29 -2.70 8.02
N ASP B 167 -7.83 -3.82 7.48
CA ASP B 167 -6.89 -4.72 8.15
C ASP B 167 -5.52 -4.09 8.26
N ASP B 168 -5.23 -3.23 7.31
CA ASP B 168 -3.94 -2.60 7.32
C ASP B 168 -4.05 -1.61 8.43
N GLU B 169 -3.20 -1.78 9.42
CA GLU B 169 -3.26 -0.86 10.52
C GLU B 169 -2.88 0.50 9.98
N SER B 170 -1.94 0.56 9.04
CA SER B 170 -1.42 1.86 8.59
C SER B 170 -2.49 2.73 7.96
N GLN B 171 -3.47 2.11 7.32
CA GLN B 171 -4.52 2.93 6.73
C GLN B 171 -5.33 3.70 7.78
N TRP B 172 -5.53 3.13 8.97
CA TRP B 172 -6.23 3.86 10.03
C TRP B 172 -5.40 5.04 10.54
N PHE B 173 -4.10 5.00 10.30
CA PHE B 173 -3.22 5.96 10.97
C PHE B 173 -3.59 7.40 10.60
N SER B 174 -4.12 7.61 9.39
CA SER B 174 -4.36 8.98 8.95
C SER B 174 -5.50 9.64 9.75
N THR B 175 -6.21 8.86 10.55
CA THR B 175 -7.41 9.33 11.25
C THR B 175 -7.13 9.88 12.63
N TRP B 176 -5.87 9.97 13.00
CA TRP B 176 -5.54 10.22 14.38
C TRP B 176 -6.10 11.54 14.86
N PHE B 177 -6.10 12.55 14.01
CA PHE B 177 -6.47 13.87 14.47
C PHE B 177 -7.98 14.09 14.44
N LEU B 178 -8.76 13.02 14.45
CA LEU B 178 -10.20 13.18 14.26
C LEU B 178 -11.06 12.40 15.28
N ASP B 179 -12.30 12.81 15.51
CA ASP B 179 -13.15 12.08 16.46
C ASP B 179 -14.63 12.37 16.26
N THR B 180 -15.49 11.67 17.00
CA THR B 180 -16.91 11.93 17.00
C THR B 180 -17.34 12.56 18.33
N GLU B 181 -18.22 13.56 18.29
CA GLU B 181 -18.61 14.35 19.47
C GLU B 181 -19.23 13.49 20.53
N LYS B 182 -20.15 12.64 20.10
CA LYS B 182 -20.97 11.87 21.00
C LYS B 182 -20.78 10.38 20.68
N LYS B 183 -20.85 9.55 21.71
CA LYS B 183 -20.57 8.13 21.56
C LYS B 183 -21.71 7.31 20.94
N GLU B 184 -22.94 7.81 21.03
CA GLU B 184 -24.06 7.08 20.43
C GLU B 184 -24.98 8.01 19.67
N LYS B 185 -25.35 7.59 18.46
CA LYS B 185 -26.22 8.37 17.61
C LYS B 185 -25.62 9.78 17.42
N ASN B 186 -24.38 9.81 16.93
CA ASN B 186 -23.66 11.06 16.70
C ASN B 186 -24.12 11.85 15.47
N THR B 187 -23.94 13.17 15.49
CA THR B 187 -24.39 14.03 14.41
C THR B 187 -23.27 14.88 13.85
N LYS B 188 -22.14 14.89 14.55
CA LYS B 188 -21.06 15.78 14.21
C LYS B 188 -19.74 15.04 14.26
N ILE B 189 -18.82 15.45 13.40
CA ILE B 189 -17.46 14.91 13.36
C ILE B 189 -16.45 16.05 13.44
N ILE B 190 -15.53 15.90 14.40
CA ILE B 190 -14.74 16.99 14.96
C ILE B 190 -13.23 16.69 15.00
N VAL B 191 -12.44 17.74 15.30
CA VAL B 191 -10.98 17.68 15.44
C VAL B 191 -10.48 17.71 16.90
N ARG B 192 -9.26 17.23 17.13
CA ARG B 192 -8.66 17.25 18.46
C ARG B 192 -7.23 17.84 18.44
N ASN B 193 -6.94 18.82 19.30
CA ASN B 193 -5.56 19.31 19.43
C ASN B 193 -5.04 19.28 20.86
N ASP B 194 -5.60 18.38 21.65
CA ASP B 194 -5.29 18.31 23.08
C ASP B 194 -4.40 17.13 23.41
N PHE B 195 -3.53 16.74 22.48
CA PHE B 195 -2.58 15.70 22.80
C PHE B 195 -1.19 16.24 22.94
N PRO B 196 -0.39 15.60 23.79
CA PRO B 196 0.98 16.07 23.92
C PRO B 196 1.81 15.62 22.73
N PHE B 197 2.71 16.49 22.29
CA PHE B 197 3.57 16.25 21.13
C PHE B 197 4.99 16.70 21.45
N GLU B 198 5.97 16.04 20.84
CA GLU B 198 7.39 16.36 21.12
C GLU B 198 8.25 16.09 19.87
N TRP B 199 9.29 16.91 19.65
CA TRP B 199 10.15 16.78 18.48
C TRP B 199 10.94 15.45 18.46
N VAL B 200 11.16 14.85 17.28
CA VAL B 200 11.90 13.57 17.23
C VAL B 200 13.11 13.57 16.27
N ASP B 201 14.24 13.00 16.73
CA ASP B 201 15.46 12.88 15.91
C ASP B 201 15.58 11.54 15.18
N TRP B 202 14.90 11.46 14.04
CA TRP B 202 14.86 10.27 13.22
C TRP B 202 16.25 10.01 12.73
N ARG B 203 16.88 11.08 12.25
CA ARG B 203 18.17 11.00 11.58
C ARG B 203 19.19 10.28 12.43
N ASN B 204 19.06 10.39 13.75
CA ASN B 204 19.94 9.63 14.62
C ASN B 204 19.28 8.47 15.38
N LYS B 205 18.10 8.68 15.94
CA LYS B 205 17.51 7.66 16.82
C LYS B 205 16.47 6.72 16.16
N GLY B 206 15.39 7.29 15.64
CA GLY B 206 14.28 6.52 15.11
C GLY B 206 14.59 5.65 13.91
N GLN B 207 15.38 6.20 13.00
CA GLN B 207 15.70 5.56 11.75
C GLN B 207 16.35 4.21 12.04
N HIS B 208 17.15 4.19 13.10
CA HIS B 208 17.82 2.97 13.56
C HIS B 208 17.06 2.11 14.59
N ASP B 209 16.16 2.73 15.33
CA ASP B 209 15.49 2.08 16.46
C ASP B 209 14.77 0.85 15.92
N GLU B 210 15.07 -0.31 16.47
CA GLU B 210 14.43 -1.56 16.02
C GLU B 210 12.95 -1.40 16.28
N LYS B 211 12.15 -2.27 15.71
CA LYS B 211 10.72 -2.31 16.03
C LYS B 211 9.99 -1.20 15.27
N VAL B 212 10.68 -0.08 15.04
CA VAL B 212 10.12 1.02 14.24
C VAL B 212 11.05 1.78 13.30
N GLY B 213 12.27 1.29 13.13
CA GLY B 213 13.24 1.97 12.31
C GLY B 213 12.87 2.16 10.86
N LYS B 214 11.97 1.32 10.35
CA LYS B 214 11.78 1.30 8.91
C LYS B 214 10.47 1.79 8.34
N ILE B 215 9.66 2.42 9.17
CA ILE B 215 8.36 2.92 8.73
C ILE B 215 8.39 4.03 7.64
N PHE B 216 9.44 4.83 7.63
CA PHE B 216 9.59 5.87 6.61
C PHE B 216 10.68 5.55 5.63
N LYS B 217 10.39 4.73 4.65
CA LYS B 217 11.40 4.42 3.67
C LYS B 217 11.38 5.47 2.58
N ASN B 218 10.30 6.25 2.52
CA ASN B 218 10.15 7.17 1.40
C ASN B 218 11.06 8.42 1.44
N VAL B 219 11.87 8.54 2.50
CA VAL B 219 12.75 9.70 2.65
C VAL B 219 14.21 9.29 2.76
N ASP B 220 15.10 10.08 2.14
CA ASP B 220 16.54 9.78 2.12
C ASP B 220 17.19 9.91 3.49
N TRP B 221 16.83 10.96 4.22
CA TRP B 221 17.31 11.19 5.58
C TRP B 221 18.76 11.60 5.62
N ASP B 222 19.61 10.69 5.14
CA ASP B 222 21.03 10.88 5.13
C ASP B 222 21.43 12.07 4.26
N ASN B 223 20.60 12.41 3.28
CA ASN B 223 20.91 13.57 2.45
C ASN B 223 19.81 14.62 2.27
N ASP B 224 18.66 14.41 2.88
CA ASP B 224 17.51 15.26 2.55
C ASP B 224 17.14 16.12 3.74
N LEU B 225 17.17 17.44 3.55
CA LEU B 225 16.86 18.37 4.63
C LEU B 225 15.43 18.88 4.56
N SER B 226 14.72 18.49 3.50
CA SER B 226 13.37 19.02 3.30
C SER B 226 12.44 18.47 4.35
N TYR B 227 12.85 17.37 4.97
CA TYR B 227 11.95 16.61 5.83
C TYR B 227 12.43 16.53 7.27
N GLU B 228 11.50 16.60 8.22
CA GLU B 228 11.83 16.41 9.65
C GLU B 228 10.64 15.76 10.41
N VAL B 229 10.89 15.12 11.56
CA VAL B 229 9.85 14.29 12.22
C VAL B 229 9.34 14.71 13.61
N ILE B 230 8.02 14.56 13.82
CA ILE B 230 7.30 14.91 15.04
C ILE B 230 6.61 13.69 15.69
N GLY B 231 6.50 13.71 17.02
CA GLY B 231 5.85 12.63 17.76
C GLY B 231 4.62 12.98 18.60
N ILE B 232 3.64 12.06 18.65
CA ILE B 232 2.43 12.23 19.46
C ILE B 232 2.11 11.12 20.51
N ASP B 233 1.79 11.54 21.75
CA ASP B 233 1.67 10.63 22.91
C ASP B 233 0.22 10.36 23.34
N PHE B 234 -0.30 9.18 22.99
CA PHE B 234 -1.71 8.85 23.20
C PHE B 234 -1.99 8.02 24.44
N THR B 235 -0.96 7.82 25.26
CA THR B 235 -1.04 6.93 26.42
C THR B 235 -2.04 7.40 27.47
N GLU B 236 -2.19 8.71 27.61
CA GLU B 236 -3.06 9.21 28.66
C GLU B 236 -4.30 9.96 28.15
N ALA B 237 -4.84 9.57 26.99
CA ALA B 237 -6.05 10.21 26.44
C ALA B 237 -6.97 9.24 25.68
N THR B 238 -8.21 9.64 25.51
CA THR B 238 -9.23 8.78 24.91
C THR B 238 -10.08 9.43 23.82
N LYS B 239 -10.47 8.62 22.85
CA LYS B 239 -11.32 9.06 21.75
C LYS B 239 -12.49 8.13 21.52
N ASN B 240 -13.54 8.66 20.91
CA ASN B 240 -14.77 7.91 20.72
C ASN B 240 -14.65 6.87 19.61
N ILE B 241 -13.47 6.84 19.00
CA ILE B 241 -13.13 5.88 17.95
C ILE B 241 -11.79 5.23 18.23
N GLU B 242 -11.48 4.18 17.47
CA GLU B 242 -10.29 3.37 17.73
C GLU B 242 -9.08 4.26 17.79
N THR B 243 -8.19 3.92 18.72
CA THR B 243 -7.04 4.72 19.05
C THR B 243 -5.79 3.90 18.87
N ASN B 244 -4.67 4.59 18.70
CA ASN B 244 -3.37 3.93 18.66
C ASN B 244 -2.51 4.27 19.88
N GLN B 245 -1.43 3.54 20.07
CA GLN B 245 -0.47 3.99 21.06
C GLN B 245 0.75 4.39 20.23
N ILE B 246 1.10 5.68 20.30
CA ILE B 246 2.29 6.24 19.65
C ILE B 246 2.34 6.23 18.11
N LEU B 247 2.37 7.43 17.51
CA LEU B 247 2.54 7.56 16.06
C LEU B 247 3.49 8.70 15.73
N PHE B 248 4.09 8.63 14.54
CA PHE B 248 5.10 9.58 14.10
C PHE B 248 4.72 10.27 12.76
N VAL B 249 4.95 11.58 12.66
CA VAL B 249 4.56 12.37 11.48
C VAL B 249 5.67 13.20 10.81
N GLN B 250 5.73 13.22 9.47
CA GLN B 250 6.78 14.00 8.79
C GLN B 250 6.29 15.36 8.24
N MET B 251 7.19 16.33 8.31
CA MET B 251 6.99 17.69 7.85
C MET B 251 7.91 17.94 6.68
N HIS B 252 7.43 18.69 5.69
CA HIS B 252 8.22 18.91 4.50
C HIS B 252 8.27 20.42 4.24
N TYR B 253 9.47 20.96 3.96
CA TYR B 253 9.59 22.38 3.64
C TYR B 253 9.30 22.61 2.16
N ASN B 254 8.33 23.47 1.89
CA ASN B 254 7.94 23.75 0.53
C ASN B 254 8.77 24.85 -0.11
N GLU B 255 9.71 24.45 -0.97
CA GLU B 255 10.64 25.39 -1.61
C GLU B 255 9.87 26.49 -2.30
N LYS B 256 8.90 26.06 -3.11
CA LYS B 256 8.09 26.98 -3.88
C LYS B 256 7.31 27.90 -2.98
N ILE B 257 6.61 27.33 -2.01
CA ILE B 257 5.79 28.13 -1.10
C ILE B 257 6.62 28.85 -0.04
N GLY B 258 7.71 28.23 0.39
CA GLY B 258 8.60 28.88 1.34
C GLY B 258 8.29 28.75 2.84
N LYS B 259 7.52 27.72 3.20
CA LYS B 259 7.26 27.43 4.60
C LYS B 259 7.13 25.92 4.78
N TRP B 260 7.16 25.47 6.03
CA TRP B 260 6.97 24.07 6.38
C TRP B 260 5.54 23.64 6.29
N GLN B 261 5.32 22.39 5.94
CA GLN B 261 3.97 21.85 5.84
C GLN B 261 3.85 20.49 6.49
N VAL B 262 2.61 20.15 6.81
CA VAL B 262 2.25 18.91 7.44
C VAL B 262 1.92 17.88 6.36
N THR B 263 2.71 16.80 6.28
CA THR B 263 2.45 15.79 5.25
C THR B 263 1.39 14.81 5.74
N GLY B 264 1.02 13.89 4.86
CA GLY B 264 0.05 12.89 5.20
C GLY B 264 0.75 11.59 5.53
N ASN B 265 2.07 11.65 5.67
CA ASN B 265 2.88 10.47 5.94
C ASN B 265 3.17 10.17 7.41
N VAL B 266 2.69 9.01 7.90
CA VAL B 266 2.72 8.60 9.33
C VAL B 266 2.93 7.07 9.57
N GLY B 267 3.22 6.65 10.82
CA GLY B 267 3.30 5.22 11.14
C GLY B 267 3.74 4.69 12.52
N GLY B 268 3.60 3.36 12.74
CA GLY B 268 4.26 2.63 13.85
C GLY B 268 3.63 1.73 14.93
N VAL B 269 2.73 0.81 14.54
CA VAL B 269 2.25 -0.22 15.48
C VAL B 269 2.42 -1.64 14.92
#